data_6UOS
# 
_entry.id   6UOS 
# 
_audit_conform.dict_name       mmcif_pdbx.dic 
_audit_conform.dict_version    5.387 
_audit_conform.dict_location   http://mmcif.pdb.org/dictionaries/ascii/mmcif_pdbx.dic 
# 
loop_
_database_2.database_id 
_database_2.database_code 
_database_2.pdbx_database_accession 
_database_2.pdbx_DOI 
PDB   6UOS         pdb_00006uos 10.2210/pdb6uos/pdb 
WWPDB D_1000244973 ?            ?                   
# 
loop_
_pdbx_audit_revision_history.ordinal 
_pdbx_audit_revision_history.data_content_type 
_pdbx_audit_revision_history.major_revision 
_pdbx_audit_revision_history.minor_revision 
_pdbx_audit_revision_history.revision_date 
1 'Structure model' 1 0 2020-05-13 
2 'Structure model' 1 1 2021-06-30 
3 'Structure model' 1 2 2024-03-13 
# 
_pdbx_audit_revision_details.ordinal             1 
_pdbx_audit_revision_details.revision_ordinal    1 
_pdbx_audit_revision_details.data_content_type   'Structure model' 
_pdbx_audit_revision_details.provider            repository 
_pdbx_audit_revision_details.type                'Initial release' 
_pdbx_audit_revision_details.description         ? 
_pdbx_audit_revision_details.details             ? 
# 
loop_
_pdbx_audit_revision_group.ordinal 
_pdbx_audit_revision_group.revision_ordinal 
_pdbx_audit_revision_group.data_content_type 
_pdbx_audit_revision_group.group 
1 2 'Structure model' 'Data collection'     
2 3 'Structure model' 'Data collection'     
3 3 'Structure model' 'Database references' 
# 
loop_
_pdbx_audit_revision_category.ordinal 
_pdbx_audit_revision_category.revision_ordinal 
_pdbx_audit_revision_category.data_content_type 
_pdbx_audit_revision_category.category 
1 2 'Structure model' diffrn_detector 
2 3 'Structure model' chem_comp_atom  
3 3 'Structure model' chem_comp_bond  
4 3 'Structure model' database_2      
# 
loop_
_pdbx_audit_revision_item.ordinal 
_pdbx_audit_revision_item.revision_ordinal 
_pdbx_audit_revision_item.data_content_type 
_pdbx_audit_revision_item.item 
1 2 'Structure model' '_diffrn_detector.detector'           
2 3 'Structure model' '_database_2.pdbx_DOI'                
3 3 'Structure model' '_database_2.pdbx_database_accession' 
# 
_pdbx_database_status.status_code                     REL 
_pdbx_database_status.status_code_sf                  REL 
_pdbx_database_status.status_code_mr                  ? 
_pdbx_database_status.entry_id                        6UOS 
_pdbx_database_status.recvd_initial_deposition_date   2019-10-15 
_pdbx_database_status.SG_entry                        N 
_pdbx_database_status.deposit_site                    RCSB 
_pdbx_database_status.process_site                    RCSB 
_pdbx_database_status.status_code_cs                  ? 
_pdbx_database_status.methods_development_category    ? 
_pdbx_database_status.pdb_format_compatible           Y 
_pdbx_database_status.status_code_nmr_data            ? 
# 
loop_
_audit_author.name 
_audit_author.pdbx_ordinal 
_audit_author.identifier_ORCID 
'Gallagher-Jones, M.' 1 ? 
'Richards, L.S.'      2 ? 
'Lee, S.'             3 ? 
'Rodriguez, J.A.'     4 ? 
# 
_citation.abstract                  ? 
_citation.abstract_id_CAS           ? 
_citation.book_id_ISBN              ? 
_citation.book_publisher            ? 
_citation.book_publisher_city       ? 
_citation.book_title                ? 
_citation.coordinate_linkage        ? 
_citation.country                   UK 
_citation.database_id_Medline       ? 
_citation.details                   ? 
_citation.id                        primary 
_citation.journal_abbrev            Iucrj 
_citation.journal_id_ASTM           ? 
_citation.journal_id_CSD            ? 
_citation.journal_id_ISSN           2052-2525 
_citation.journal_full              ? 
_citation.journal_issue             ? 
_citation.journal_volume            7 
_citation.language                  ? 
_citation.page_first                490 
_citation.page_last                 499 
_citation.title                     'Atomic structures determined from digitally defined nanocrystalline regions' 
_citation.year                      2020 
_citation.database_id_CSD           ? 
_citation.pdbx_database_id_DOI      10.1107/S2052252520004030 
_citation.pdbx_database_id_PubMed   ? 
_citation.unpublished_flag          ? 
# 
loop_
_citation_author.citation_id 
_citation_author.name 
_citation_author.ordinal 
_citation_author.identifier_ORCID 
primary 'Gallagher-Jones, M.' 1 ? 
primary 'Bustillo, K.C.'      2 ? 
primary 'Ophus, C.'           3 ? 
primary 'Richards, L.S.'      4 ? 
primary 'Ciston, J.'          5 ? 
primary 'Lee, S.'             6 ? 
primary 'Minor, A.M.'         7 ? 
primary 'Rodriguez, J.A.'     8 ? 
# 
_entity.id                         1 
_entity.type                       polymer 
_entity.src_method                 syn 
_entity.pdbx_description           'Abscisic acid receptor PYL5' 
_entity.formula_weight             458.509 
_entity.pdbx_number_of_molecules   1 
_entity.pdbx_ec                    ? 
_entity.pdbx_mutation              ? 
_entity.pdbx_fragment              'UNP residues 24-29' 
_entity.details                    ? 
# 
_entity_name_com.entity_id   1 
_entity_name_com.name        'PYR1-like protein 11,OsPYL11,PYR1-like protein 5,OsPYL5,Regulatory components of ABA receptor 5' 
# 
_entity_poly.entity_id                      1 
_entity_poly.type                           'polypeptide(L)' 
_entity_poly.nstd_linkage                   no 
_entity_poly.nstd_monomer                   no 
_entity_poly.pdbx_seq_one_letter_code       AVAAGA 
_entity_poly.pdbx_seq_one_letter_code_can   AVAAGA 
_entity_poly.pdbx_strand_id                 A 
_entity_poly.pdbx_target_identifier         ? 
# 
loop_
_entity_poly_seq.entity_id 
_entity_poly_seq.num 
_entity_poly_seq.mon_id 
_entity_poly_seq.hetero 
1 1 ALA n 
1 2 VAL n 
1 3 ALA n 
1 4 ALA n 
1 5 GLY n 
1 6 ALA n 
# 
_pdbx_entity_src_syn.entity_id              1 
_pdbx_entity_src_syn.pdbx_src_id            1 
_pdbx_entity_src_syn.pdbx_alt_source_flag   sample 
_pdbx_entity_src_syn.pdbx_beg_seq_num       1 
_pdbx_entity_src_syn.pdbx_end_seq_num       6 
_pdbx_entity_src_syn.organism_scientific    'Oryza sativa' 
_pdbx_entity_src_syn.organism_common_name   Rice 
_pdbx_entity_src_syn.ncbi_taxonomy_id       4530 
_pdbx_entity_src_syn.details                ? 
# 
loop_
_chem_comp.id 
_chem_comp.type 
_chem_comp.mon_nstd_flag 
_chem_comp.name 
_chem_comp.pdbx_synonyms 
_chem_comp.formula 
_chem_comp.formula_weight 
ALA 'L-peptide linking' y ALANINE ? 'C3 H7 N O2'  89.093  
GLY 'peptide linking'   y GLYCINE ? 'C2 H5 N O2'  75.067  
VAL 'L-peptide linking' y VALINE  ? 'C5 H11 N O2' 117.146 
# 
loop_
_pdbx_poly_seq_scheme.asym_id 
_pdbx_poly_seq_scheme.entity_id 
_pdbx_poly_seq_scheme.seq_id 
_pdbx_poly_seq_scheme.mon_id 
_pdbx_poly_seq_scheme.ndb_seq_num 
_pdbx_poly_seq_scheme.pdb_seq_num 
_pdbx_poly_seq_scheme.auth_seq_num 
_pdbx_poly_seq_scheme.pdb_mon_id 
_pdbx_poly_seq_scheme.auth_mon_id 
_pdbx_poly_seq_scheme.pdb_strand_id 
_pdbx_poly_seq_scheme.pdb_ins_code 
_pdbx_poly_seq_scheme.hetero 
A 1 1 ALA 1 24 24 ALA ALA A . n 
A 1 2 VAL 2 25 25 VAL VAL A . n 
A 1 3 ALA 3 26 26 ALA ALA A . n 
A 1 4 ALA 4 27 27 ALA ALA A . n 
A 1 5 GLY 5 28 28 GLY GLY A . n 
A 1 6 ALA 6 29 29 ALA ALA A . n 
# 
loop_
_software.citation_id 
_software.classification 
_software.compiler_name 
_software.compiler_version 
_software.contact_author 
_software.contact_author_email 
_software.date 
_software.description 
_software.dependencies 
_software.hardware 
_software.language 
_software.location 
_software.mods 
_software.name 
_software.os 
_software.os_version 
_software.type 
_software.version 
_software.pdbx_ordinal 
? refinement        ? ? ?                 ?                        ?              ? ? ? ?   ? ? PHENIX      ? ? ?       .    1 
? 'data scaling'    ? ? 'Wolfgang Kabsch' ?                        ?              ? ? ? ?   
http://www.mpimf-heidelberg.mpg.de/~kabsch/xds/html_doc/xscale_program.html ? XSCALE      ? ? package .    2 
? 'data extraction' ? ? PDB               deposit@deposit.rcsb.org 'Apr. 1, 2019' ? ? ? C++ 
http://sw-tools.pdb.org/apps/PDB_EXTRACT/                                   ? PDB_EXTRACT ? ? package 3.25 3 
# 
_cell.angle_alpha                  90.000 
_cell.angle_alpha_esd              ? 
_cell.angle_beta                   90.000 
_cell.angle_beta_esd               ? 
_cell.angle_gamma                  90.000 
_cell.angle_gamma_esd              ? 
_cell.entry_id                     6UOS 
_cell.details                      ? 
_cell.formula_units_Z              ? 
_cell.length_a                     4.720 
_cell.length_a_esd                 ? 
_cell.length_b                     11.280 
_cell.length_b_esd                 ? 
_cell.length_c                     39.390 
_cell.length_c_esd                 ? 
_cell.volume                       ? 
_cell.volume_esd                   ? 
_cell.Z_PDB                        4 
_cell.reciprocal_angle_alpha       ? 
_cell.reciprocal_angle_beta        ? 
_cell.reciprocal_angle_gamma       ? 
_cell.reciprocal_angle_alpha_esd   ? 
_cell.reciprocal_angle_beta_esd    ? 
_cell.reciprocal_angle_gamma_esd   ? 
_cell.reciprocal_length_a          ? 
_cell.reciprocal_length_b          ? 
_cell.reciprocal_length_c          ? 
_cell.reciprocal_length_a_esd      ? 
_cell.reciprocal_length_b_esd      ? 
_cell.reciprocal_length_c_esd      ? 
_cell.pdbx_unique_axis             ? 
# 
_symmetry.entry_id                         6UOS 
_symmetry.cell_setting                     ? 
_symmetry.Int_Tables_number                19 
_symmetry.space_group_name_Hall            ? 
_symmetry.space_group_name_H-M             'P 21 21 21' 
_symmetry.pdbx_full_space_group_name_H-M   ? 
# 
_exptl.absorpt_coefficient_mu     ? 
_exptl.absorpt_correction_T_max   ? 
_exptl.absorpt_correction_T_min   ? 
_exptl.absorpt_correction_type    ? 
_exptl.absorpt_process_details    ? 
_exptl.entry_id                   6UOS 
_exptl.crystals_number            ? 
_exptl.details                    ? 
_exptl.method                     'ELECTRON CRYSTALLOGRAPHY' 
_exptl.method_details             ? 
# 
_exptl_crystal.colour                      ? 
_exptl_crystal.density_diffrn              ? 
_exptl_crystal.density_Matthews            ? 
_exptl_crystal.density_method              ? 
_exptl_crystal.density_percent_sol         ? 
_exptl_crystal.description                 ? 
_exptl_crystal.F_000                       ? 
_exptl_crystal.id                          1 
_exptl_crystal.preparation                 ? 
_exptl_crystal.size_max                    ? 
_exptl_crystal.size_mid                    ? 
_exptl_crystal.size_min                    ? 
_exptl_crystal.size_rad                    ? 
_exptl_crystal.colour_lustre               ? 
_exptl_crystal.colour_modifier             ? 
_exptl_crystal.colour_primary              ? 
_exptl_crystal.density_meas                ? 
_exptl_crystal.density_meas_esd            ? 
_exptl_crystal.density_meas_gt             ? 
_exptl_crystal.density_meas_lt             ? 
_exptl_crystal.density_meas_temp           ? 
_exptl_crystal.density_meas_temp_esd       ? 
_exptl_crystal.density_meas_temp_gt        ? 
_exptl_crystal.density_meas_temp_lt        ? 
_exptl_crystal.pdbx_crystal_image_url      ? 
_exptl_crystal.pdbx_crystal_image_format   ? 
_exptl_crystal.pdbx_mosaicity              ? 
_exptl_crystal.pdbx_mosaicity_esd          ? 
# 
_exptl_crystal_grow.apparatus       ? 
_exptl_crystal_grow.atmosphere      ? 
_exptl_crystal_grow.crystal_id      1 
_exptl_crystal_grow.details         ? 
_exptl_crystal_grow.method          'VAPOR DIFFUSION, HANGING DROP' 
_exptl_crystal_grow.method_ref      ? 
_exptl_crystal_grow.pH              7.0 
_exptl_crystal_grow.pressure        ? 
_exptl_crystal_grow.pressure_esd    ? 
_exptl_crystal_grow.seeding         ? 
_exptl_crystal_grow.seeding_ref     ? 
_exptl_crystal_grow.temp            298 
_exptl_crystal_grow.temp_details    ? 
_exptl_crystal_grow.temp_esd        ? 
_exptl_crystal_grow.time            ? 
_exptl_crystal_grow.pdbx_details    '10% ethanol' 
_exptl_crystal_grow.pdbx_pH_range   ? 
# 
_diffrn.ambient_environment              ? 
_diffrn.ambient_temp                     100 
_diffrn.ambient_temp_details             ? 
_diffrn.ambient_temp_esd                 ? 
_diffrn.crystal_id                       1 
_diffrn.crystal_support                  ? 
_diffrn.crystal_treatment                ? 
_diffrn.details                          ? 
_diffrn.id                               1 
_diffrn.ambient_pressure                 ? 
_diffrn.ambient_pressure_esd             ? 
_diffrn.ambient_pressure_gt              ? 
_diffrn.ambient_pressure_lt              ? 
_diffrn.ambient_temp_gt                  ? 
_diffrn.ambient_temp_lt                  ? 
_diffrn.pdbx_serial_crystal_experiment   ? 
# 
_diffrn_detector.details                      ? 
_diffrn_detector.detector                     CMOS 
_diffrn_detector.diffrn_id                    1 
_diffrn_detector.type                         TemCam-XF416 
_diffrn_detector.area_resol_mean              ? 
_diffrn_detector.dtime                        ? 
_diffrn_detector.pdbx_frames_total            ? 
_diffrn_detector.pdbx_collection_time_total   ? 
_diffrn_detector.pdbx_collection_date         2019-04-04 
_diffrn_detector.pdbx_frequency               ? 
# 
_diffrn_radiation_wavelength.id           1 
_diffrn_radiation_wavelength.wavelength   0.0197 
_diffrn_radiation_wavelength.wt           1.0 
# 
_diffrn_source.current                     ? 
_diffrn_source.details                     ? 
_diffrn_source.diffrn_id                   1 
_diffrn_source.power                       ? 
_diffrn_source.size                        ? 
_diffrn_source.source                      'ELECTRON MICROSCOPE' 
_diffrn_source.target                      ? 
_diffrn_source.type                        'Technai F30' 
_diffrn_source.voltage                     ? 
_diffrn_source.take-off_angle              ? 
_diffrn_source.pdbx_wavelength_list        0.0197 
_diffrn_source.pdbx_wavelength             ? 
_diffrn_source.pdbx_synchrotron_beamline   ? 
_diffrn_source.pdbx_synchrotron_site       ? 
# 
_reflns.B_iso_Wilson_estimate            7.293 
_reflns.entry_id                         6UOS 
_reflns.data_reduction_details           ? 
_reflns.data_reduction_method            ? 
_reflns.d_resolution_high                0.900 
_reflns.d_resolution_low                 7.418 
_reflns.details                          ? 
_reflns.limit_h_max                      ? 
_reflns.limit_h_min                      ? 
_reflns.limit_k_max                      ? 
_reflns.limit_k_min                      ? 
_reflns.limit_l_max                      ? 
_reflns.limit_l_min                      ? 
_reflns.number_all                       ? 
_reflns.number_obs                       1792 
_reflns.observed_criterion               ? 
_reflns.observed_criterion_F_max         ? 
_reflns.observed_criterion_F_min         ? 
_reflns.observed_criterion_I_max         ? 
_reflns.observed_criterion_I_min         ? 
_reflns.observed_criterion_sigma_F       ? 
_reflns.observed_criterion_sigma_I       ? 
_reflns.percent_possible_obs             97.800 
_reflns.R_free_details                   ? 
_reflns.Rmerge_F_all                     ? 
_reflns.Rmerge_F_obs                     ? 
_reflns.Friedel_coverage                 ? 
_reflns.number_gt                        ? 
_reflns.threshold_expression             ? 
_reflns.pdbx_redundancy                  9.274 
_reflns.pdbx_Rmerge_I_obs                0.202 
_reflns.pdbx_Rmerge_I_all                ? 
_reflns.pdbx_Rsym_value                  ? 
_reflns.pdbx_netI_over_av_sigmaI         ? 
_reflns.pdbx_netI_over_sigmaI            5.570 
_reflns.pdbx_res_netI_over_av_sigmaI_2   ? 
_reflns.pdbx_res_netI_over_sigmaI_2      ? 
_reflns.pdbx_chi_squared                 0.890 
_reflns.pdbx_scaling_rejects             8 
_reflns.pdbx_d_res_high_opt              ? 
_reflns.pdbx_d_res_low_opt               ? 
_reflns.pdbx_d_res_opt_method            ? 
_reflns.phase_calculation_details        ? 
_reflns.pdbx_Rrim_I_all                  0.216 
_reflns.pdbx_Rpim_I_all                  ? 
_reflns.pdbx_d_opt                       ? 
_reflns.pdbx_number_measured_all         16619 
_reflns.pdbx_diffrn_id                   1 
_reflns.pdbx_ordinal                     1 
_reflns.pdbx_CC_half                     0.982 
_reflns.pdbx_CC_star                     ? 
_reflns.pdbx_R_split                     ? 
# 
loop_
_reflns_shell.d_res_high 
_reflns_shell.d_res_low 
_reflns_shell.meanI_over_sigI_all 
_reflns_shell.meanI_over_sigI_obs 
_reflns_shell.number_measured_all 
_reflns_shell.number_measured_obs 
_reflns_shell.number_possible 
_reflns_shell.number_unique_all 
_reflns_shell.number_unique_obs 
_reflns_shell.percent_possible_all 
_reflns_shell.percent_possible_obs 
_reflns_shell.Rmerge_F_all 
_reflns_shell.Rmerge_F_obs 
_reflns_shell.Rmerge_I_all 
_reflns_shell.Rmerge_I_obs 
_reflns_shell.meanI_over_sigI_gt 
_reflns_shell.meanI_over_uI_all 
_reflns_shell.meanI_over_uI_gt 
_reflns_shell.number_measured_gt 
_reflns_shell.number_unique_gt 
_reflns_shell.percent_possible_gt 
_reflns_shell.Rmerge_F_gt 
_reflns_shell.Rmerge_I_gt 
_reflns_shell.pdbx_redundancy 
_reflns_shell.pdbx_Rsym_value 
_reflns_shell.pdbx_chi_squared 
_reflns_shell.pdbx_netI_over_sigmaI_all 
_reflns_shell.pdbx_netI_over_sigmaI_obs 
_reflns_shell.pdbx_Rrim_I_all 
_reflns_shell.pdbx_Rpim_I_all 
_reflns_shell.pdbx_rejects 
_reflns_shell.pdbx_ordinal 
_reflns_shell.pdbx_diffrn_id 
_reflns_shell.pdbx_CC_half 
_reflns_shell.pdbx_CC_star 
_reflns_shell.pdbx_R_split 
0.900 1.000 ? 2.510  ? 4760 481 ? 478 99.400 ? ? ? ? 0.666 ? ? ? ? ? ? ? ? 9.958 ? ? ? ? 0.706 ? ? 1  1 0.760 ? ? 
1.000 1.100 ? 4.250  ? 3017 317 ? 314 99.100 ? ? ? ? 0.360 ? ? ? ? ? ? ? ? 9.608 ? ? ? ? 0.381 ? ? 2  1 0.955 ? ? 
1.100 1.200 ? 4.580  ? 2258 230 ? 228 99.100 ? ? ? ? 0.357 ? ? ? ? ? ? ? ? 9.904 ? ? ? ? 0.381 ? ? 3  1 0.950 ? ? 
1.200 1.500 ? 6.640  ? 3359 371 ? 366 98.700 ? ? ? ? 0.266 ? ? ? ? ? ? ? ? 9.178 ? ? ? ? 0.282 ? ? 4  1 0.967 ? ? 
1.500 1.800 ? 8.590  ? 1304 168 ? 162 96.400 ? ? ? ? 0.189 ? ? ? ? ? ? ? ? 8.049 ? ? ? ? 0.202 ? ? 5  1 0.986 ? ? 
1.800 2.000 ? 10.120 ? 578  68  ? 65  95.600 ? ? ? ? 0.149 ? ? ? ? ? ? ? ? 8.892 ? ? ? ? 0.160 ? ? 6  1 0.995 ? ? 
2.000 2.300 ? 10.640 ? 571  69  ? 63  91.300 ? ? ? ? 0.143 ? ? ? ? ? ? ? ? 9.063 ? ? ? ? 0.153 ? ? 7  1 0.978 ? ? 
2.300 3.000 ? 10.160 ? 383  64  ? 60  93.800 ? ? ? ? 0.156 ? ? ? ? ? ? ? ? 6.383 ? ? ? ? 0.171 ? ? 8  1 0.967 ? ? 
3.000 5.000 ? 12.380 ? 364  51  ? 48  94.100 ? ? ? ? 0.131 ? ? ? ? ? ? ? ? 7.583 ? ? ? ? 0.139 ? ? 9  1 0.983 ? ? 
5.000 8.000 ? 7.040  ? 25   9   ? 8   88.900 ? ? ? ? 0.104 ? ? ? ? ? ? ? ? 3.125 ? ? ? ? 0.116 ? ? 10 1 0.997 ? ? 
8.000 7.418 ? ?      ? ?    5   ? ?   ?      ? ? ? ? ?     ? ? ? ? ? ? ? ? ?     ? ? ? ? ?     ? ? 11 1 ?     ? ? 
# 
_refine.aniso_B[1][1]                            ? 
_refine.aniso_B[1][2]                            ? 
_refine.aniso_B[1][3]                            ? 
_refine.aniso_B[2][2]                            ? 
_refine.aniso_B[2][3]                            ? 
_refine.aniso_B[3][3]                            ? 
_refine.B_iso_max                                21.600 
_refine.B_iso_mean                               7.5409 
_refine.B_iso_min                                2.010 
_refine.correlation_coeff_Fo_to_Fc               ? 
_refine.correlation_coeff_Fo_to_Fc_free          ? 
_refine.details                                  ? 
_refine.diff_density_max                         ? 
_refine.diff_density_max_esd                     ? 
_refine.diff_density_min                         ? 
_refine.diff_density_min_esd                     ? 
_refine.diff_density_rms                         ? 
_refine.diff_density_rms_esd                     ? 
_refine.entry_id                                 6UOS 
_refine.pdbx_refine_id                           'ELECTRON CRYSTALLOGRAPHY' 
_refine.ls_abs_structure_details                 ? 
_refine.ls_abs_structure_Flack                   ? 
_refine.ls_abs_structure_Flack_esd               ? 
_refine.ls_abs_structure_Rogers                  ? 
_refine.ls_abs_structure_Rogers_esd              ? 
_refine.ls_d_res_high                            0.9000 
_refine.ls_d_res_low                             7.4180 
_refine.ls_extinction_coef                       ? 
_refine.ls_extinction_coef_esd                   ? 
_refine.ls_extinction_expression                 ? 
_refine.ls_extinction_method                     ? 
_refine.ls_goodness_of_fit_all                   ? 
_refine.ls_goodness_of_fit_all_esd               ? 
_refine.ls_goodness_of_fit_obs                   ? 
_refine.ls_goodness_of_fit_obs_esd               ? 
_refine.ls_hydrogen_treatment                    ? 
_refine.ls_matrix_type                           ? 
_refine.ls_number_constraints                    ? 
_refine.ls_number_parameters                     ? 
_refine.ls_number_reflns_all                     ? 
_refine.ls_number_reflns_obs                     1780 
_refine.ls_number_reflns_R_free                  161 
_refine.ls_number_reflns_R_work                  1619 
_refine.ls_number_restraints                     ? 
_refine.ls_percent_reflns_obs                    97.3700 
_refine.ls_percent_reflns_R_free                 9.0400 
_refine.ls_R_factor_all                          ? 
_refine.ls_R_factor_obs                          0.2284 
_refine.ls_R_factor_R_free                       0.2436 
_refine.ls_R_factor_R_free_error                 ? 
_refine.ls_R_factor_R_free_error_details         ? 
_refine.ls_R_factor_R_work                       0.2272 
_refine.ls_R_Fsqd_factor_obs                     ? 
_refine.ls_R_I_factor_obs                        ? 
_refine.ls_redundancy_reflns_all                 ? 
_refine.ls_redundancy_reflns_obs                 ? 
_refine.ls_restrained_S_all                      ? 
_refine.ls_restrained_S_obs                      ? 
_refine.ls_shift_over_esd_max                    ? 
_refine.ls_shift_over_esd_mean                   ? 
_refine.ls_structure_factor_coef                 ? 
_refine.ls_weighting_details                     ? 
_refine.ls_weighting_scheme                      ? 
_refine.ls_wR_factor_all                         ? 
_refine.ls_wR_factor_obs                         ? 
_refine.ls_wR_factor_R_free                      ? 
_refine.ls_wR_factor_R_work                      ? 
_refine.occupancy_max                            ? 
_refine.occupancy_min                            ? 
_refine.solvent_model_details                    'FLAT BULK SOLVENT MODEL' 
_refine.solvent_model_param_bsol                 ? 
_refine.solvent_model_param_ksol                 ? 
_refine.pdbx_R_complete                          ? 
_refine.ls_R_factor_gt                           ? 
_refine.ls_goodness_of_fit_gt                    ? 
_refine.ls_goodness_of_fit_ref                   ? 
_refine.ls_shift_over_su_max                     ? 
_refine.ls_shift_over_su_max_lt                  ? 
_refine.ls_shift_over_su_mean                    ? 
_refine.ls_shift_over_su_mean_lt                 ? 
_refine.pdbx_ls_sigma_I                          ? 
_refine.pdbx_ls_sigma_F                          1.380 
_refine.pdbx_ls_sigma_Fsqd                       ? 
_refine.pdbx_data_cutoff_high_absF               ? 
_refine.pdbx_data_cutoff_high_rms_absF           ? 
_refine.pdbx_data_cutoff_low_absF                ? 
_refine.pdbx_isotropic_thermal_model             ? 
_refine.pdbx_ls_cross_valid_method               THROUGHOUT 
_refine.pdbx_method_to_determine_struct          ? 
_refine.pdbx_starting_model                      ? 
_refine.pdbx_stereochemistry_target_values       ML 
_refine.pdbx_R_Free_selection_details            ? 
_refine.pdbx_stereochem_target_val_spec_case     ? 
_refine.pdbx_overall_ESU_R                       ? 
_refine.pdbx_overall_ESU_R_Free                  ? 
_refine.pdbx_solvent_vdw_probe_radii             1.1100 
_refine.pdbx_solvent_ion_probe_radii             ? 
_refine.pdbx_solvent_shrinkage_radii             0.9000 
_refine.pdbx_real_space_R                        ? 
_refine.pdbx_density_correlation                 ? 
_refine.pdbx_pd_number_of_powder_patterns        ? 
_refine.pdbx_pd_number_of_points                 ? 
_refine.pdbx_pd_meas_number_of_points            ? 
_refine.pdbx_pd_proc_ls_prof_R_factor            ? 
_refine.pdbx_pd_proc_ls_prof_wR_factor           ? 
_refine.pdbx_pd_Marquardt_correlation_coeff      ? 
_refine.pdbx_pd_Fsqrd_R_factor                   ? 
_refine.pdbx_pd_ls_matrix_band_width             ? 
_refine.pdbx_overall_phase_error                 31.7900 
_refine.pdbx_overall_SU_R_free_Cruickshank_DPI   ? 
_refine.pdbx_overall_SU_R_free_Blow_DPI          ? 
_refine.pdbx_overall_SU_R_Blow_DPI               ? 
_refine.pdbx_TLS_residual_ADP_flag               ? 
_refine.pdbx_diffrn_id                           1 
_refine.overall_SU_B                             ? 
_refine.overall_SU_ML                            0.1100 
_refine.overall_SU_R_Cruickshank_DPI             ? 
_refine.overall_SU_R_free                        ? 
_refine.overall_FOM_free_R_set                   ? 
_refine.overall_FOM_work_R_set                   ? 
_refine.pdbx_average_fsc_overall                 ? 
_refine.pdbx_average_fsc_work                    ? 
_refine.pdbx_average_fsc_free                    ? 
# 
_refine_hist.pdbx_refine_id                   'ELECTRON CRYSTALLOGRAPHY' 
_refine_hist.cycle_id                         final 
_refine_hist.details                          ? 
_refine_hist.d_res_high                       0.90 
_refine_hist.d_res_low                        7.42 
_refine_hist.number_atoms_solvent             0 
_refine_hist.number_atoms_total               66 
_refine_hist.number_reflns_all                ? 
_refine_hist.number_reflns_obs                ? 
_refine_hist.number_reflns_R_free             ? 
_refine_hist.number_reflns_R_work             ? 
_refine_hist.R_factor_all                     ? 
_refine_hist.R_factor_obs                     ? 
_refine_hist.R_factor_R_free                  ? 
_refine_hist.R_factor_R_work                  ? 
_refine_hist.pdbx_number_residues_total       6 
_refine_hist.pdbx_B_iso_mean_ligand           ? 
_refine_hist.pdbx_B_iso_mean_solvent          ? 
_refine_hist.pdbx_number_atoms_protein        ? 
_refine_hist.pdbx_number_atoms_nucleic_acid   ? 
_refine_hist.pdbx_number_atoms_ligand         0 
_refine_hist.pdbx_number_atoms_lipid          ? 
_refine_hist.pdbx_number_atoms_carb           ? 
_refine_hist.pdbx_pseudo_atom_details         ? 
# 
_refine_ls_shell.pdbx_refine_id                   'ELECTRON CRYSTALLOGRAPHY' 
_refine_ls_shell.d_res_high                       0.9002 
_refine_ls_shell.d_res_low                        7.4180 
_refine_ls_shell.number_reflns_all                ? 
_refine_ls_shell.number_reflns_obs                ? 
_refine_ls_shell.number_reflns_R_free             161 
_refine_ls_shell.number_reflns_R_work             1619 
_refine_ls_shell.percent_reflns_obs               97.0000 
_refine_ls_shell.percent_reflns_R_free            ? 
_refine_ls_shell.R_factor_all                     ? 
_refine_ls_shell.R_factor_obs                     ? 
_refine_ls_shell.R_factor_R_free                  0.2436 
_refine_ls_shell.R_factor_R_free_error            0.0000 
_refine_ls_shell.R_factor_R_work                  0.2272 
_refine_ls_shell.redundancy_reflns_all            ? 
_refine_ls_shell.redundancy_reflns_obs            ? 
_refine_ls_shell.wR_factor_all                    ? 
_refine_ls_shell.wR_factor_obs                    ? 
_refine_ls_shell.wR_factor_R_free                 ? 
_refine_ls_shell.wR_factor_R_work                 ? 
_refine_ls_shell.pdbx_R_complete                  ? 
_refine_ls_shell.pdbx_total_number_of_bins_used   ? 
_refine_ls_shell.pdbx_phase_error                 ? 
_refine_ls_shell.pdbx_fsc_work                    ? 
_refine_ls_shell.pdbx_fsc_free                    ? 
# 
_struct.entry_id                     6UOS 
_struct.title                        'MicroED structure of OsPYL/RCAR5 (24-29) at 6 e-/A^2' 
_struct.pdbx_model_details           'Protofilament structure of OsPYL/RCAR5 peptide determined by nanoEDT' 
_struct.pdbx_formula_weight          ? 
_struct.pdbx_formula_weight_method   ? 
_struct.pdbx_model_type_details      ? 
_struct.pdbx_CASP_flag               N 
# 
_struct_keywords.entry_id        6UOS 
_struct_keywords.text            'protofilament, PROTEIN FIBRIL' 
_struct_keywords.pdbx_keywords   'PROTEIN FIBRIL' 
# 
_struct_asym.id                            A 
_struct_asym.pdbx_blank_PDB_chainid_flag   N 
_struct_asym.pdbx_modified                 N 
_struct_asym.entity_id                     1 
_struct_asym.details                       ? 
# 
_struct_ref.id                         1 
_struct_ref.db_name                    UNP 
_struct_ref.db_code                    PYL5_ORYSJ 
_struct_ref.pdbx_db_accession          Q6I5C3 
_struct_ref.pdbx_db_isoform            ? 
_struct_ref.entity_id                  1 
_struct_ref.pdbx_seq_one_letter_code   AVAAGA 
_struct_ref.pdbx_align_begin           24 
# 
_struct_ref_seq.align_id                      1 
_struct_ref_seq.ref_id                        1 
_struct_ref_seq.pdbx_PDB_id_code              6UOS 
_struct_ref_seq.pdbx_strand_id                A 
_struct_ref_seq.seq_align_beg                 1 
_struct_ref_seq.pdbx_seq_align_beg_ins_code   ? 
_struct_ref_seq.seq_align_end                 6 
_struct_ref_seq.pdbx_seq_align_end_ins_code   ? 
_struct_ref_seq.pdbx_db_accession             Q6I5C3 
_struct_ref_seq.db_align_beg                  24 
_struct_ref_seq.pdbx_db_align_beg_ins_code    ? 
_struct_ref_seq.db_align_end                  29 
_struct_ref_seq.pdbx_db_align_end_ins_code    ? 
_struct_ref_seq.pdbx_auth_seq_align_beg       24 
_struct_ref_seq.pdbx_auth_seq_align_end       29 
# 
_pdbx_struct_assembly.id                   1 
_pdbx_struct_assembly.details              author_and_software_defined_assembly 
_pdbx_struct_assembly.method_details       PISA 
_pdbx_struct_assembly.oligomeric_details   monomeric 
_pdbx_struct_assembly.oligomeric_count     1 
# 
loop_
_pdbx_struct_assembly_prop.biol_id 
_pdbx_struct_assembly_prop.type 
_pdbx_struct_assembly_prop.value 
_pdbx_struct_assembly_prop.details 
1 'ABSA (A^2)' 0   ? 
1 MORE         0   ? 
1 'SSA (A^2)'  760 ? 
# 
_pdbx_struct_assembly_gen.assembly_id       1 
_pdbx_struct_assembly_gen.oper_expression   1 
_pdbx_struct_assembly_gen.asym_id_list      A 
# 
_pdbx_struct_assembly_auth_evidence.id                     1 
_pdbx_struct_assembly_auth_evidence.assembly_id            1 
_pdbx_struct_assembly_auth_evidence.experimental_support   microscopy 
_pdbx_struct_assembly_auth_evidence.details                ? 
# 
_pdbx_struct_oper_list.id                   1 
_pdbx_struct_oper_list.type                 'identity operation' 
_pdbx_struct_oper_list.name                 1_555 
_pdbx_struct_oper_list.symmetry_operation   x,y,z 
_pdbx_struct_oper_list.matrix[1][1]         1.0000000000 
_pdbx_struct_oper_list.matrix[1][2]         0.0000000000 
_pdbx_struct_oper_list.matrix[1][3]         0.0000000000 
_pdbx_struct_oper_list.vector[1]            0.0000000000 
_pdbx_struct_oper_list.matrix[2][1]         0.0000000000 
_pdbx_struct_oper_list.matrix[2][2]         1.0000000000 
_pdbx_struct_oper_list.matrix[2][3]         0.0000000000 
_pdbx_struct_oper_list.vector[2]            0.0000000000 
_pdbx_struct_oper_list.matrix[3][1]         0.0000000000 
_pdbx_struct_oper_list.matrix[3][2]         0.0000000000 
_pdbx_struct_oper_list.matrix[3][3]         1.0000000000 
_pdbx_struct_oper_list.vector[3]            0.0000000000 
# 
_em_3d_fitting.entry_id          6UOS 
_em_3d_fitting.id                1 
_em_3d_fitting.details           ? 
_em_3d_fitting.overall_b_value   6.99 
_em_3d_fitting.ref_protocol      'AB INITIO MODEL' 
_em_3d_fitting.ref_space         RECIPROCAL 
_em_3d_fitting.target_criteria   ? 
_em_3d_fitting.method            ? 
# 
_em_3d_reconstruction.entry_id                    6UOS 
_em_3d_reconstruction.id                          1 
_em_3d_reconstruction.algorithm                   ? 
_em_3d_reconstruction.details                     ? 
_em_3d_reconstruction.refinement_type             ? 
_em_3d_reconstruction.image_processing_id         1 
_em_3d_reconstruction.num_class_averages          ? 
_em_3d_reconstruction.num_particles               ? 
_em_3d_reconstruction.resolution                  0.90 
_em_3d_reconstruction.resolution_method           'DIFFRACTION PATTERN/LAYERLINES' 
_em_3d_reconstruction.symmetry_type               '3D CRYSTAL' 
_em_3d_reconstruction.method                      ? 
_em_3d_reconstruction.nominal_pixel_size          ? 
_em_3d_reconstruction.actual_pixel_size           ? 
_em_3d_reconstruction.magnification_calibration   ? 
# 
_em_buffer.id            1 
_em_buffer.details       ? 
_em_buffer.pH            7.0 
_em_buffer.specimen_id   1 
_em_buffer.name          ? 
# 
_em_entity_assembly.id                   1 
_em_entity_assembly.parent_id            0 
_em_entity_assembly.details              ? 
_em_entity_assembly.name                 'Crystalline assembly of OsPYL/RCAR5 peptide derived from residues 24 - 29' 
_em_entity_assembly.source               NATURAL 
_em_entity_assembly.type                 COMPLEX 
_em_entity_assembly.entity_id_list       1 
_em_entity_assembly.synonym              ? 
_em_entity_assembly.oligomeric_details   ? 
# 
_em_image_scans.entry_id                6UOS 
_em_image_scans.id                      1 
_em_image_scans.dimension_height        4096 
_em_image_scans.dimension_width         4096 
_em_image_scans.frames_per_image        ? 
_em_image_scans.image_recording_id      1 
_em_image_scans.sampling_size           15.5 
_em_image_scans.scanner_model           ? 
_em_image_scans.used_frames_per_image   ? 
_em_image_scans.citation_id             ? 
_em_image_scans.number_digital_images   ? 
_em_image_scans.od_range                ? 
_em_image_scans.quant_bit_size          ? 
_em_image_scans.details                 ? 
# 
_em_imaging.id                              1 
_em_imaging.entry_id                        6UOS 
_em_imaging.accelerating_voltage            300 
_em_imaging.alignment_procedure             BASIC 
_em_imaging.c2_aperture_diameter            50.0 
_em_imaging.calibrated_defocus_max          ? 
_em_imaging.calibrated_defocus_min          ? 
_em_imaging.calibrated_magnification        ? 
_em_imaging.cryogen                         NITROGEN 
_em_imaging.details                         ? 
_em_imaging.electron_source                 'FIELD EMISSION GUN' 
_em_imaging.illumination_mode               'FLOOD BEAM' 
_em_imaging.microscope_model                'FEI TECNAI F30' 
_em_imaging.mode                            DIFFRACTION 
_em_imaging.nominal_cs                      ? 
_em_imaging.nominal_defocus_max             ? 
_em_imaging.nominal_defocus_min             ? 
_em_imaging.nominal_magnification           ? 
_em_imaging.recording_temperature_maximum   110 
_em_imaging.recording_temperature_minimum   100 
_em_imaging.residual_tilt                   ? 
_em_imaging.specimen_holder_model           'GATAN 626 SINGLE TILT LIQUID NITROGEN CRYO TRANSFER HOLDER' 
_em_imaging.specimen_id                     1 
_em_imaging.citation_id                     ? 
_em_imaging.date                            ? 
_em_imaging.temperature                     ? 
_em_imaging.tilt_angle_min                  ? 
_em_imaging.tilt_angle_max                  ? 
_em_imaging.astigmatism                     ? 
_em_imaging.detector_distance               ? 
_em_imaging.electron_beam_tilt_params       ? 
_em_imaging.specimen_holder_type            ? 
# 
_em_sample_support.id               1 
_em_sample_support.specimen_id      1 
_em_sample_support.details          ? 
_em_sample_support.grid_material    GOLD 
_em_sample_support.grid_mesh_size   400 
_em_sample_support.grid_type        Homemade 
_em_sample_support.method           ? 
_em_sample_support.film_material    ? 
# 
_em_experiment.entry_id                6UOS 
_em_experiment.id                      1 
_em_experiment.aggregation_state       '3D ARRAY' 
_em_experiment.reconstruction_method   CRYSTALLOGRAPHY 
_em_experiment.entity_assembly_id      1 
# 
loop_
_chem_comp_atom.comp_id 
_chem_comp_atom.atom_id 
_chem_comp_atom.type_symbol 
_chem_comp_atom.pdbx_aromatic_flag 
_chem_comp_atom.pdbx_stereo_config 
_chem_comp_atom.pdbx_ordinal 
ALA N    N N N 1  
ALA CA   C N S 2  
ALA C    C N N 3  
ALA O    O N N 4  
ALA CB   C N N 5  
ALA OXT  O N N 6  
ALA H    H N N 7  
ALA H2   H N N 8  
ALA HA   H N N 9  
ALA HB1  H N N 10 
ALA HB2  H N N 11 
ALA HB3  H N N 12 
ALA HXT  H N N 13 
GLY N    N N N 14 
GLY CA   C N N 15 
GLY C    C N N 16 
GLY O    O N N 17 
GLY OXT  O N N 18 
GLY H    H N N 19 
GLY H2   H N N 20 
GLY HA2  H N N 21 
GLY HA3  H N N 22 
GLY HXT  H N N 23 
VAL N    N N N 24 
VAL CA   C N S 25 
VAL C    C N N 26 
VAL O    O N N 27 
VAL CB   C N N 28 
VAL CG1  C N N 29 
VAL CG2  C N N 30 
VAL OXT  O N N 31 
VAL H    H N N 32 
VAL H2   H N N 33 
VAL HA   H N N 34 
VAL HB   H N N 35 
VAL HG11 H N N 36 
VAL HG12 H N N 37 
VAL HG13 H N N 38 
VAL HG21 H N N 39 
VAL HG22 H N N 40 
VAL HG23 H N N 41 
VAL HXT  H N N 42 
# 
loop_
_chem_comp_bond.comp_id 
_chem_comp_bond.atom_id_1 
_chem_comp_bond.atom_id_2 
_chem_comp_bond.value_order 
_chem_comp_bond.pdbx_aromatic_flag 
_chem_comp_bond.pdbx_stereo_config 
_chem_comp_bond.pdbx_ordinal 
ALA N   CA   sing N N 1  
ALA N   H    sing N N 2  
ALA N   H2   sing N N 3  
ALA CA  C    sing N N 4  
ALA CA  CB   sing N N 5  
ALA CA  HA   sing N N 6  
ALA C   O    doub N N 7  
ALA C   OXT  sing N N 8  
ALA CB  HB1  sing N N 9  
ALA CB  HB2  sing N N 10 
ALA CB  HB3  sing N N 11 
ALA OXT HXT  sing N N 12 
GLY N   CA   sing N N 13 
GLY N   H    sing N N 14 
GLY N   H2   sing N N 15 
GLY CA  C    sing N N 16 
GLY CA  HA2  sing N N 17 
GLY CA  HA3  sing N N 18 
GLY C   O    doub N N 19 
GLY C   OXT  sing N N 20 
GLY OXT HXT  sing N N 21 
VAL N   CA   sing N N 22 
VAL N   H    sing N N 23 
VAL N   H2   sing N N 24 
VAL CA  C    sing N N 25 
VAL CA  CB   sing N N 26 
VAL CA  HA   sing N N 27 
VAL C   O    doub N N 28 
VAL C   OXT  sing N N 29 
VAL CB  CG1  sing N N 30 
VAL CB  CG2  sing N N 31 
VAL CB  HB   sing N N 32 
VAL CG1 HG11 sing N N 33 
VAL CG1 HG12 sing N N 34 
VAL CG1 HG13 sing N N 35 
VAL CG2 HG21 sing N N 36 
VAL CG2 HG22 sing N N 37 
VAL CG2 HG23 sing N N 38 
VAL OXT HXT  sing N N 39 
# 
_em_3d_crystal_entity.id                    1 
_em_3d_crystal_entity.image_processing_id   1 
_em_3d_crystal_entity.angle_alpha           90 
_em_3d_crystal_entity.angle_beta            90 
_em_3d_crystal_entity.angle_gamma           90 
_em_3d_crystal_entity.length_a              4.72 
_em_3d_crystal_entity.length_b              11.28 
_em_3d_crystal_entity.length_c              39.39 
_em_3d_crystal_entity.space_group_name      'P 21 21 21' 
_em_3d_crystal_entity.space_group_num       19 
# 
_em_buffer_component.buffer_id             1 
_em_buffer_component.id                    1 
_em_buffer_component.concentration         10 
_em_buffer_component.concentration_units   '% v/v' 
_em_buffer_component.formula               C2H6O 
_em_buffer_component.name                  Ethanol 
# 
_em_crystal_formation.id                    1 
_em_crystal_formation.specimen_id           1 
_em_crystal_formation.atmosphere            ? 
_em_crystal_formation.details               ? 
_em_crystal_formation.instrument            ? 
_em_crystal_formation.lipid_mixture         ? 
_em_crystal_formation.lipid_protein_ratio   ? 
_em_crystal_formation.temperature           ? 
_em_crystal_formation.time                  ? 
_em_crystal_formation.time_unit             ? 
# 
_em_ctf_correction.id                       1 
_em_ctf_correction.em_image_processing_id   1 
_em_ctf_correction.type                     NONE 
_em_ctf_correction.details                  ? 
# 
_em_diffraction.id                1 
_em_diffraction.camera_length     1320 
_em_diffraction.imaging_id        1 
_em_diffraction.tilt_angle_list   ? 
# 
_em_diffraction_shell.id                        1 
_em_diffraction_shell.em_diffraction_stats_id   1 
_em_diffraction_shell.fourier_space_coverage    97.8 
_em_diffraction_shell.high_resolution           0.90 
_em_diffraction_shell.low_resolution            7.4 
_em_diffraction_shell.multiplicity              9.3 
_em_diffraction_shell.num_structure_factors     1792 
_em_diffraction_shell.phase_residual            1 
# 
_em_diffraction_stats.id                               1 
_em_diffraction_stats.details                          ? 
_em_diffraction_stats.image_processing_id              1 
_em_diffraction_stats.fourier_space_coverage           97.8 
_em_diffraction_stats.high_resolution                  0.90 
_em_diffraction_stats.num_intensities_measured         16619 
_em_diffraction_stats.num_structure_factors            1792 
_em_diffraction_stats.overall_phase_error              31.79 
_em_diffraction_stats.overall_phase_residual           1 
_em_diffraction_stats.phase_error_rejection_criteria   none 
_em_diffraction_stats.r_merge                          0.202 
_em_diffraction_stats.r_sym                            0.216 
# 
_em_entity_assembly_molwt.entity_assembly_id   1 
_em_entity_assembly_molwt.id                   1 
_em_entity_assembly_molwt.experimental_flag    NO 
_em_entity_assembly_molwt.units                ? 
_em_entity_assembly_molwt.value                ? 
# 
_em_entity_assembly_naturalsource.cell                 ? 
_em_entity_assembly_naturalsource.cellular_location    ? 
_em_entity_assembly_naturalsource.entity_assembly_id   1 
_em_entity_assembly_naturalsource.id                   1 
_em_entity_assembly_naturalsource.ncbi_tax_id          4530 
_em_entity_assembly_naturalsource.organ                ? 
_em_entity_assembly_naturalsource.organelle            ? 
_em_entity_assembly_naturalsource.organism             'Oryza sativa' 
_em_entity_assembly_naturalsource.strain               ? 
_em_entity_assembly_naturalsource.tissue               ? 
# 
_em_image_processing.id                   1 
_em_image_processing.image_recording_id   1 
_em_image_processing.details              ? 
# 
_em_image_recording.id                            1 
_em_image_recording.imaging_id                    1 
_em_image_recording.avg_electron_dose_per_image   0.03 
_em_image_recording.average_exposure_time         3 
_em_image_recording.details                       ? 
_em_image_recording.detector_mode                 ? 
_em_image_recording.film_or_detector_model        'TVIPS TEMCAM-F416 (4k x 4k)' 
_em_image_recording.num_diffraction_images        100 
_em_image_recording.num_grids_imaged              1 
_em_image_recording.num_real_images               1 
# 
_em_imaging_optics.id                         1 
_em_imaging_optics.imaging_id                 1 
_em_imaging_optics.chr_aberration_corrector   ? 
_em_imaging_optics.energyfilter_lower         ? 
_em_imaging_optics.energyfilter_name          ? 
_em_imaging_optics.energyfilter_upper         ? 
_em_imaging_optics.energyfilter_slit_width    ? 
_em_imaging_optics.phase_plate                ? 
_em_imaging_optics.sph_aberration_corrector   ? 
# 
loop_
_em_software.id 
_em_software.category 
_em_software.details 
_em_software.name 
_em_software.version 
_em_software.image_processing_id 
_em_software.fitting_id 
_em_software.imaging_id 
1  'IMAGE ACQUISITION'             ? ?      ? ? ? 1 
2  MASKING                         ? ?      ? ? ? ? 
3  'CTF CORRECTION'                ? ?      ? 1 ? ? 
4  'LAYERLINE INDEXING'            ? ?      ? ? ? ? 
5  'DIFFRACTION INDEXING'          ? ?      ? ? ? ? 
6  'MODEL FITTING'                 ? Coot   ? ? 1 ? 
7  OTHER                           ? ?      ? ? ? ? 
8  'MOLECULAR REPLACEMENT'         ? ?      ? 1 ? ? 
9  'LATTICE DISTORTION CORRECTION' ? ?      ? 1 ? ? 
10 'SYMMETRY DETERMINATION'        ? ?      ? 1 ? ? 
11 'CRYSTALLOGRAPHY MERGING'       ? ?      ? 1 ? ? 
12 RECONSTRUCTION                  ? ?      ? 1 ? ? 
13 'MODEL REFINEMENT'              ? PHENIX ? ? 1 ? 
# 
_em_specimen.id                      1 
_em_specimen.experiment_id           1 
_em_specimen.concentration           ? 
_em_specimen.details                 ? 
_em_specimen.embedding_applied       NO 
_em_specimen.shadowing_applied       NO 
_em_specimen.staining_applied        NO 
_em_specimen.vitrification_applied   NO 
# 
loop_
_pdbx_audit_support.funding_organization 
_pdbx_audit_support.country 
_pdbx_audit_support.grant_number 
_pdbx_audit_support.ordinal 
'National Science Foundation (NSF, United States)'                                         'United States' DMR-1548924       1 
'Department of Energy (DOE, United States)'                                                'United States' DE-FC02-02ER63421 2 
'National Institutes of Health/National Institute of General Medical Sciences (NIH/NIGMS)' 'United States' 'R35 GM128867'    3 
# 
_atom_sites.entry_id                    6UOS 
_atom_sites.Cartn_transf_matrix[1][1]   ? 
_atom_sites.Cartn_transf_matrix[1][2]   ? 
_atom_sites.Cartn_transf_matrix[1][3]   ? 
_atom_sites.Cartn_transf_matrix[2][1]   ? 
_atom_sites.Cartn_transf_matrix[2][2]   ? 
_atom_sites.Cartn_transf_matrix[2][3]   ? 
_atom_sites.Cartn_transf_matrix[3][1]   ? 
_atom_sites.Cartn_transf_matrix[3][2]   ? 
_atom_sites.Cartn_transf_matrix[3][3]   ? 
_atom_sites.Cartn_transf_vector[1]      ? 
_atom_sites.Cartn_transf_vector[2]      ? 
_atom_sites.Cartn_transf_vector[3]      ? 
_atom_sites.fract_transf_matrix[1][1]   0.04215525 
_atom_sites.fract_transf_matrix[1][2]   0.04762538 
_atom_sites.fract_transf_matrix[1][3]   0.20209184 
_atom_sites.fract_transf_matrix[2][1]   0.05162682 
_atom_sites.fract_transf_matrix[2][2]   0.06699658 
_atom_sites.fract_transf_matrix[2][3]   -0.02655762 
_atom_sites.fract_transf_matrix[3][1]   -0.02001027 
_atom_sites.fract_transf_matrix[3][2]   0.01561553 
_atom_sites.fract_transf_matrix[3][3]   0.00049404 
_atom_sites.fract_transf_vector[1]      0.261122 
_atom_sites.fract_transf_vector[2]      0.730108 
_atom_sites.fract_transf_vector[3]      0.218172 
_atom_sites.solution_primary            ? 
_atom_sites.solution_secondary          ? 
_atom_sites.solution_hydrogens          ? 
_atom_sites.special_details             ? 
# 
loop_
_atom_type.symbol 
C 
H 
N 
O 
# 
loop_
_atom_site.group_PDB 
_atom_site.id 
_atom_site.type_symbol 
_atom_site.label_atom_id 
_atom_site.label_alt_id 
_atom_site.label_comp_id 
_atom_site.label_asym_id 
_atom_site.label_entity_id 
_atom_site.label_seq_id 
_atom_site.pdbx_PDB_ins_code 
_atom_site.Cartn_x 
_atom_site.Cartn_y 
_atom_site.Cartn_z 
_atom_site.occupancy 
_atom_site.B_iso_or_equiv 
_atom_site.pdbx_formal_charge 
_atom_site.auth_seq_id 
_atom_site.auth_comp_id 
_atom_site.auth_asym_id 
_atom_site.auth_atom_id 
_atom_site.pdbx_PDB_model_num 
ATOM 1  N N    . ALA A 1 1 ? -7.145 6.089  0.260  1.00 8.68  ? 24 ALA A N    1 
ATOM 2  C CA   . ALA A 1 1 ? -5.872 5.567  -0.323 1.00 5.71  ? 24 ALA A CA   1 
ATOM 3  C C    . ALA A 1 1 ? -5.340 4.432  0.509  1.00 4.74  ? 24 ALA A C    1 
ATOM 4  O O    . ALA A 1 1 ? -5.154 4.557  1.714  1.00 5.16  ? 24 ALA A O    1 
ATOM 5  C CB   . ALA A 1 1 ? -4.866 6.624  -0.385 1.00 9.30  ? 24 ALA A CB   1 
ATOM 6  H H1   . ALA A 1 1 ? -7.609 6.511  -0.371 1.00 10.39 ? 24 ALA A H1   1 
ATOM 7  H H2   . ALA A 1 1 ? -7.625 5.410  0.577  1.00 10.39 ? 24 ALA A H2   1 
ATOM 8  H H3   . ALA A 1 1 ? -6.958 6.656  0.919  1.00 10.39 ? 24 ALA A H3   1 
ATOM 9  H HA   . ALA A 1 1 ? -6.048 5.253  -1.224 1.00 6.83  ? 24 ALA A HA   1 
ATOM 10 H HB1  . ALA A 1 1 ? -4.034 6.248  -0.712 1.00 11.13 ? 24 ALA A HB1  1 
ATOM 11 H HB2  . ALA A 1 1 ? -5.174 7.319  -0.986 1.00 11.13 ? 24 ALA A HB2  1 
ATOM 12 H HB3  . ALA A 1 1 ? -4.736 6.988  0.505  1.00 11.13 ? 24 ALA A HB3  1 
ATOM 13 N N    . VAL A 1 2 ? -5.059 3.322  -0.149 1.00 3.07  ? 25 VAL A N    1 
ATOM 14 C CA   . VAL A 1 2 ? -4.568 2.151  0.528  1.00 3.80  ? 25 VAL A CA   1 
ATOM 15 C C    . VAL A 1 2 ? -3.403 1.634  -0.266 1.00 2.18  ? 25 VAL A C    1 
ATOM 16 O O    . VAL A 1 2 ? -3.516 1.428  -1.469 1.00 2.98  ? 25 VAL A O    1 
ATOM 17 C CB   . VAL A 1 2 ? -5.652 1.078  0.631  1.00 4.39  ? 25 VAL A CB   1 
ATOM 18 C CG1  . VAL A 1 2 ? -5.136 -0.087 1.388  1.00 4.96  ? 25 VAL A CG1  1 
ATOM 19 C CG2  . VAL A 1 2 ? -6.863 1.658  1.277  1.00 6.89  ? 25 VAL A CG2  1 
ATOM 20 H H    . VAL A 1 2 ? -5.147 3.228  -0.999 1.00 3.67  ? 25 VAL A H    1 
ATOM 21 H HA   . VAL A 1 2 ? -4.271 2.379  1.423  1.00 4.54  ? 25 VAL A HA   1 
ATOM 22 H HB   . VAL A 1 2 ? -5.902 0.766  -0.253 1.00 5.24  ? 25 VAL A HB   1 
ATOM 23 H HG11 . VAL A 1 2 ? -5.861 -0.716 1.531  1.00 5.93  ? 25 VAL A HG11 1 
ATOM 24 H HG12 . VAL A 1 2 ? -4.429 -0.509 0.876  1.00 5.93  ? 25 VAL A HG12 1 
ATOM 25 H HG13 . VAL A 1 2 ? -4.791 0.218  2.241  1.00 5.93  ? 25 VAL A HG13 1 
ATOM 26 H HG21 . VAL A 1 2 ? -7.467 0.938  1.518  1.00 8.24  ? 25 VAL A HG21 1 
ATOM 27 H HG22 . VAL A 1 2 ? -6.594 2.145  2.072  1.00 8.24  ? 25 VAL A HG22 1 
ATOM 28 H HG23 . VAL A 1 2 ? -7.298 2.258  0.652  1.00 8.24  ? 25 VAL A HG23 1 
ATOM 29 N N    . ALA A 1 3 ? -2.293 1.433  0.399  1.00 2.74  ? 26 ALA A N    1 
ATOM 30 C CA   . ALA A 1 3 ? -1.115 0.929  -0.273 1.00 3.84  ? 26 ALA A CA   1 
ATOM 31 C C    . ALA A 1 3 ? -0.518 -0.163 0.577  1.00 2.01  ? 26 ALA A C    1 
ATOM 32 O O    . ALA A 1 3 ? -0.378 -0.006 1.783  1.00 2.86  ? 26 ALA A O    1 
ATOM 33 C CB   . ALA A 1 3 ? -0.096 2.034  -0.500 1.00 3.98  ? 26 ALA A CB   1 
ATOM 34 H H    . ALA A 1 3 ? -2.193 1.579  1.241  1.00 3.27  ? 26 ALA A H    1 
ATOM 35 H HA   . ALA A 1 3 ? -1.356 0.560  -1.137 1.00 4.58  ? 26 ALA A HA   1 
ATOM 36 H HB1  . ALA A 1 3 ? 0.655  1.674  -0.996 1.00 4.76  ? 26 ALA A HB1  1 
ATOM 37 H HB2  . ALA A 1 3 ? -0.514 2.750  -1.005 1.00 4.76  ? 26 ALA A HB2  1 
ATOM 38 H HB3  . ALA A 1 3 ? 0.204  2.369  0.359  1.00 4.76  ? 26 ALA A HB3  1 
ATOM 39 N N    . ALA A 1 4 ? -0.182 -1.252 -0.054 1.00 3.06  ? 27 ALA A N    1 
ATOM 40 C CA   . ALA A 1 4 ? 0.461  -2.330 0.647  1.00 2.91  ? 27 ALA A CA   1 
ATOM 41 C C    . ALA A 1 4 ? 1.610  -2.809 -0.201 1.00 4.34  ? 27 ALA A C    1 
ATOM 42 O O    . ALA A 1 4 ? 1.471  -3.000 -1.406 1.00 2.66  ? 27 ALA A O    1 
ATOM 43 C CB   . ALA A 1 4 ? -0.478 -3.487 0.820  1.00 3.17  ? 27 ALA A CB   1 
ATOM 44 H H    . ALA A 1 4 ? -0.315 -1.393 -0.893 1.00 3.64  ? 27 ALA A H    1 
ATOM 45 H HA   . ALA A 1 4 ? 0.770  -2.028 1.515  1.00 3.47  ? 27 ALA A HA   1 
ATOM 46 H HB1  . ALA A 1 4 ? 0.007  -4.232 1.209  1.00 3.78  ? 27 ALA A HB1  1 
ATOM 47 H HB2  . ALA A 1 4 ? -1.202 -3.220 1.409  1.00 3.78  ? 27 ALA A HB2  1 
ATOM 48 H HB3  . ALA A 1 4 ? -0.832 -3.739 -0.046 1.00 3.78  ? 27 ALA A HB3  1 
ATOM 49 N N    . GLY A 1 5 ? 2.724  -3.048 0.455  1.00 3.37  ? 28 GLY A N    1 
ATOM 50 C CA   . GLY A 1 5 ? 3.784  -3.774 -0.194 1.00 5.58  ? 28 GLY A CA   1 
ATOM 51 C C    . GLY A 1 5 ? 5.112  -3.215 0.191  1.00 6.15  ? 28 GLY A C    1 
ATOM 52 O O    . GLY A 1 5 ? 5.345  -2.944 1.361  1.00 8.78  ? 28 GLY A O    1 
ATOM 53 H H    . GLY A 1 5 ? 2.886  -2.804 1.264  1.00 4.02  ? 28 GLY A H    1 
ATOM 54 H HA2  . GLY A 1 5 ? 3.750  -4.708 0.066  1.00 6.67  ? 28 GLY A HA2  1 
ATOM 55 H HA3  . GLY A 1 5 ? 3.684  -3.710 -1.157 1.00 6.67  ? 28 GLY A HA3  1 
ATOM 56 N N    . ALA A 1 6 ? 5.994  -3.009 -0.764 1.00 10.11 ? 29 ALA A N    1 
ATOM 57 C CA   . ALA A 1 6 ? 7.310  -2.543 -0.384 1.00 16.93 ? 29 ALA A CA   1 
ATOM 58 C C    . ALA A 1 6 ? 7.960  -1.739 -1.499 1.00 21.60 ? 29 ALA A C    1 
ATOM 59 O O    . ALA A 1 6 ? 9.072  -1.207 -1.350 1.00 20.63 ? 29 ALA A O    1 
ATOM 60 C CB   . ALA A 1 6 ? 8.170  -3.742 0.012  1.00 15.68 ? 29 ALA A CB   1 
ATOM 61 O OXT  . ALA A 1 6 ? 7.372  -1.600 -2.569 1.00 21.38 ? 29 ALA A OXT  1 
ATOM 62 H H    . ALA A 1 6 ? 5.860  -3.127 -1.606 1.00 12.11 ? 29 ALA A H    1 
ATOM 63 H HA   . ALA A 1 6 ? 7.241  -1.950 0.381  1.00 20.29 ? 29 ALA A HA   1 
ATOM 64 H HB1  . ALA A 1 6 ? 9.082  -3.444 0.157  1.00 18.79 ? 29 ALA A HB1  1 
ATOM 65 H HB2  . ALA A 1 6 ? 7.815  -4.130 0.827  1.00 18.79 ? 29 ALA A HB2  1 
ATOM 66 H HB3  . ALA A 1 6 ? 8.146  -4.398 -0.703 1.00 18.79 ? 29 ALA A HB3  1 
# 
loop_
_atom_site_anisotrop.id 
_atom_site_anisotrop.type_symbol 
_atom_site_anisotrop.pdbx_label_atom_id 
_atom_site_anisotrop.pdbx_label_alt_id 
_atom_site_anisotrop.pdbx_label_comp_id 
_atom_site_anisotrop.pdbx_label_asym_id 
_atom_site_anisotrop.pdbx_label_seq_id 
_atom_site_anisotrop.pdbx_PDB_ins_code 
_atom_site_anisotrop.U[1][1] 
_atom_site_anisotrop.U[2][2] 
_atom_site_anisotrop.U[3][3] 
_atom_site_anisotrop.U[1][2] 
_atom_site_anisotrop.U[1][3] 
_atom_site_anisotrop.U[2][3] 
_atom_site_anisotrop.pdbx_auth_seq_id 
_atom_site_anisotrop.pdbx_auth_comp_id 
_atom_site_anisotrop.pdbx_auth_asym_id 
_atom_site_anisotrop.pdbx_auth_atom_id 
1  N N   . ALA A 1 ? 0.1338 0.0905 0.1055 0.0556  0.0188  -0.0061 24 ALA A N   
2  C CA  . ALA A 1 ? 0.1109 0.0670 0.0390 0.0419  -0.0155 -0.0086 24 ALA A CA  
3  C C   . ALA A 1 ? 0.0853 0.0584 0.0365 0.0317  -0.0080 -0.0025 24 ALA A C   
4  O O   . ALA A 1 ? 0.0897 0.0615 0.0449 0.0360  -0.0086 -0.0120 24 ALA A O   
5  C CB  . ALA A 1 ? 0.0864 0.0988 0.1680 0.0232  0.0181  0.0663  24 ALA A CB  
13 N N   . VAL A 2 ? 0.0545 0.0433 0.0190 0.0071  -0.0074 -0.0074 25 VAL A N   
14 C CA  . VAL A 2 ? 0.0474 0.0540 0.0431 0.0118  -0.0122 -0.0108 25 VAL A CA  
15 C C   . VAL A 2 ? 0.0257 0.0376 0.0194 -0.0004 -0.0013 -0.0082 25 VAL A C   
16 O O   . VAL A 2 ? 0.0342 0.0470 0.0322 0.0079  -0.0026 -0.0016 25 VAL A O   
17 C CB  . VAL A 2 ? 0.0438 0.0527 0.0702 -0.0093 -0.0101 -0.0203 25 VAL A CB  
18 C CG1 . VAL A 2 ? 0.0639 0.0627 0.0618 0.0063  0.0048  -0.0044 25 VAL A CG1 
19 C CG2 . VAL A 2 ? 0.0585 0.0714 0.1316 -0.0035 -0.0182 -0.0018 25 VAL A CG2 
29 N N   . ALA A 3 ? 0.0314 0.0460 0.0269 0.0068  -0.0056 -0.0020 26 ALA A N   
30 C CA  . ALA A 3 ? 0.0624 0.0567 0.0267 0.0332  -0.0069 -0.0044 26 ALA A CA  
31 C C   . ALA A 3 ? 0.0313 0.0257 0.0194 0.0079  0.0059  -0.0074 26 ALA A C   
32 O O   . ALA A 3 ? 0.0406 0.0425 0.0254 0.0118  -0.0150 -0.0039 26 ALA A O   
33 C CB  . ALA A 3 ? 0.0446 0.0457 0.0611 0.0200  -0.0005 -0.0043 26 ALA A CB  
39 N N   . ALA A 4 ? 0.0449 0.0406 0.0306 0.0199  -0.0046 -0.0095 27 ALA A N   
40 C CA  . ALA A 4 ? 0.0487 0.0445 0.0175 0.0188  0.0008  -0.0007 27 ALA A CA  
41 C C   . ALA A 4 ? 0.0398 0.0371 0.0881 0.0058  0.0254  0.0198  27 ALA A C   
42 O O   . ALA A 4 ? 0.0408 0.0426 0.0179 0.0047  -0.0006 -0.0047 27 ALA A O   
43 C CB  . ALA A 4 ? 0.0379 0.0466 0.0360 0.0090  0.0028  0.0173  27 ALA A CB  
49 N N   . GLY A 5 ? 0.0309 0.0630 0.0341 0.0014  -0.0017 -0.0208 28 GLY A N   
50 C CA  . GLY A 5 ? 0.0415 0.1095 0.0609 0.0126  0.0151  -0.0127 28 GLY A CA  
51 C C   . GLY A 5 ? 0.0523 0.1321 0.0491 0.0146  -0.0097 -0.0304 28 GLY A C   
52 O O   . GLY A 5 ? 0.0694 0.1772 0.0871 0.0360  0.0208  -0.0003 28 GLY A O   
56 N N   . ALA A 6 ? 0.1015 0.1503 0.1322 0.0369  0.0072  -0.0113 29 ALA A N   
57 C CA  . ALA A 6 ? 0.1543 0.2508 0.2381 0.0889  0.0410  0.0868  29 ALA A CA  
58 C C   . ALA A 6 ? 0.1918 0.2703 0.3587 0.1094  -0.0239 0.0617  29 ALA A C   
59 O O   . ALA A 6 ? 0.1721 0.2251 0.3868 0.0697  -0.0957 -0.0589 29 ALA A O   
60 C CB  . ALA A 6 ? 0.1554 0.2669 0.1734 0.0742  0.0310  0.1110  29 ALA A CB  
61 O OXT . ALA A 6 ? 0.1827 0.2525 0.3770 0.0863  -0.0894 -0.0164 29 ALA A OXT 
# 
